data_3QRC
#
_entry.id   3QRC
#
_cell.length_a   91.382
_cell.length_b   91.382
_cell.length_c   47.496
_cell.angle_alpha   90.00
_cell.angle_beta   90.00
_cell.angle_gamma   120.00
#
_symmetry.space_group_name_H-M   'P 32'
#
loop_
_entity.id
_entity.type
_entity.pdbx_description
1 polymer 'Attachment invasion locus protein'
2 branched 1,3,4,6-tetra-O-sulfo-beta-D-fructofuranose-(2-1)-2,3,4,6-tetra-O-sulfonato-alpha-D-glucopyranose
3 non-polymer (HYDROXYETHYLOXY)TRI(ETHYLOXY)OCTANE
4 water water
#
_entity_poly.entity_id   1
_entity_poly.type   'polypeptide(L)'
_entity_poly.pdbx_seq_one_letter_code
;MEGESSISIGYAQSRVKEDGYKLDKNPRGFNLKYRYEFNNDWGVIGSFAQTRRGFEESVDGFKLIDGDFKYYSVTAGPVF
RINEYVSLYGLLGAGHGKAKFSSIFGQSESRSKTSLAYGAGLQFNPHPNFVIDASYEYSKLDDVKVGTWMLGAGYRF
;
_entity_poly.pdbx_strand_id   A,B
#
loop_
_chem_comp.id
_chem_comp.type
_chem_comp.name
_chem_comp.formula
C8E non-polymer (HYDROXYETHYLOXY)TRI(ETHYLOXY)OCTANE 'C16 H34 O5'
GU4 D-saccharide, alpha linking 2,3,4,6-tetra-O-sulfonato-alpha-D-glucopyranose 'C6 H12 O18 S4'
YYJ D-saccharide, beta linking 1,3,4,6-tetra-O-sulfo-beta-D-fructofuranose 'C6 H12 O18 S4'
#
# COMPACT_ATOMS: atom_id res chain seq x y z
N MET A 1 11.14 -19.13 2.16
CA MET A 1 10.68 -20.51 2.31
C MET A 1 9.52 -20.63 3.31
N GLU A 2 9.83 -21.17 4.48
CA GLU A 2 8.84 -21.36 5.53
C GLU A 2 8.64 -20.09 6.35
N GLY A 3 7.44 -19.53 6.29
CA GLY A 3 7.10 -18.36 7.07
C GLY A 3 7.28 -17.04 6.31
N GLU A 4 7.20 -17.11 5.00
CA GLU A 4 7.37 -15.91 4.17
C GLU A 4 6.02 -15.29 3.85
N SER A 5 5.87 -14.02 4.17
CA SER A 5 4.67 -13.25 3.81
C SER A 5 4.97 -12.45 2.55
N SER A 6 3.94 -12.25 1.74
CA SER A 6 4.01 -11.38 0.58
C SER A 6 2.82 -10.44 0.61
N ILE A 7 3.07 -9.16 0.41
CA ILE A 7 1.99 -8.18 0.36
C ILE A 7 2.07 -7.43 -0.96
N SER A 8 0.94 -7.29 -1.63
CA SER A 8 0.95 -6.62 -2.92
C SER A 8 -0.27 -5.74 -3.10
N ILE A 9 -0.08 -4.63 -3.80
CA ILE A 9 -1.20 -3.76 -4.16
C ILE A 9 -1.16 -3.55 -5.67
N GLY A 10 -2.34 -3.41 -6.26
CA GLY A 10 -2.44 -3.51 -7.70
C GLY A 10 -3.64 -2.82 -8.26
N TYR A 11 -3.60 -2.60 -9.57
CA TYR A 11 -4.72 -2.01 -10.28
CA TYR A 11 -4.67 -2.04 -10.38
C TYR A 11 -5.72 -3.12 -10.60
N ALA A 12 -7.01 -2.76 -10.59
CA ALA A 12 -8.05 -3.73 -10.91
C ALA A 12 -9.03 -3.08 -11.88
N GLN A 13 -9.53 -3.86 -12.84
CA GLN A 13 -10.51 -3.33 -13.79
C GLN A 13 -11.55 -4.41 -14.06
N SER A 14 -12.81 -4.01 -14.07
CA SER A 14 -13.92 -4.93 -14.28
C SER A 14 -14.61 -4.68 -15.62
N ARG A 15 -15.14 -5.74 -16.21
CA ARG A 15 -16.01 -5.68 -17.35
C ARG A 15 -17.32 -6.22 -16.81
N VAL A 16 -18.35 -5.37 -16.88
CA VAL A 16 -19.65 -5.67 -16.29
C VAL A 16 -20.68 -5.81 -17.41
N LYS A 17 -21.28 -6.98 -17.51
CA LYS A 17 -22.23 -7.24 -18.59
C LYS A 17 -23.57 -7.72 -18.07
N GLU A 18 -24.64 -7.31 -18.74
CA GLU A 18 -25.95 -7.84 -18.44
C GLU A 18 -26.73 -7.96 -19.74
N ASP A 19 -27.19 -9.16 -20.07
CA ASP A 19 -28.08 -9.34 -21.22
C ASP A 19 -27.45 -8.85 -22.51
N GLY A 20 -26.14 -9.07 -22.65
CA GLY A 20 -25.43 -8.75 -23.87
C GLY A 20 -24.87 -7.34 -23.93
N TYR A 21 -25.21 -6.51 -22.96
CA TYR A 21 -24.68 -5.15 -22.91
C TYR A 21 -23.60 -4.98 -21.85
N LYS A 22 -22.61 -4.16 -22.16
CA LYS A 22 -21.53 -3.87 -21.23
C LYS A 22 -21.75 -2.48 -20.64
N LEU A 23 -21.49 -2.32 -19.34
CA LEU A 23 -21.46 -1.00 -18.72
C LEU A 23 -20.25 -0.22 -19.21
N ASP A 24 -20.45 1.03 -19.64
CA ASP A 24 -19.36 1.92 -20.04
C ASP A 24 -19.20 3.02 -18.98
N LYS A 25 -17.98 3.51 -18.71
CA LYS A 25 -16.76 2.84 -19.05
C LYS A 25 -16.51 1.83 -17.93
N ASN A 26 -15.51 0.98 -18.12
CA ASN A 26 -15.23 -0.08 -17.17
C ASN A 26 -14.95 0.44 -15.75
N PRO A 27 -15.60 -0.15 -14.75
CA PRO A 27 -15.21 0.16 -13.38
C PRO A 27 -13.74 -0.15 -13.14
N ARG A 28 -13.09 0.69 -12.35
CA ARG A 28 -11.66 0.56 -12.09
C ARG A 28 -11.45 0.76 -10.61
N GLY A 29 -10.35 0.20 -10.09
CA GLY A 29 -10.07 0.32 -8.66
C GLY A 29 -8.76 -0.39 -8.35
N PHE A 30 -8.75 -1.15 -7.26
CA PHE A 30 -7.52 -1.73 -6.75
C PHE A 30 -7.74 -3.14 -6.21
N ASN A 31 -6.63 -3.81 -5.95
CA ASN A 31 -6.62 -5.14 -5.36
C ASN A 31 -5.46 -5.20 -4.37
N LEU A 32 -5.74 -5.71 -3.18
CA LEU A 32 -4.70 -5.96 -2.17
C LEU A 32 -4.65 -7.46 -1.93
N LYS A 33 -3.46 -8.03 -2.01
CA LYS A 33 -3.32 -9.45 -1.70
C LYS A 33 -2.27 -9.69 -0.64
N TYR A 34 -2.59 -10.60 0.28
CA TYR A 34 -1.66 -11.00 1.33
C TYR A 34 -1.49 -12.51 1.26
N ARG A 35 -0.24 -12.97 1.27
CA ARG A 35 0.07 -14.39 1.13
C ARG A 35 0.99 -14.81 2.26
N TYR A 36 0.73 -15.99 2.80
CA TYR A 36 1.62 -16.58 3.79
C TYR A 36 1.96 -18.01 3.41
N GLU A 37 3.26 -18.29 3.31
CA GLU A 37 3.75 -19.61 2.95
C GLU A 37 4.09 -20.41 4.20
N PHE A 38 3.43 -21.55 4.35
CA PHE A 38 3.71 -22.47 5.47
C PHE A 38 5.07 -23.11 5.32
N ASN A 39 5.41 -23.44 4.08
CA ASN A 39 6.70 -24.03 3.74
C ASN A 39 7.05 -23.69 2.30
N ASN A 40 8.06 -24.36 1.77
CA ASN A 40 8.53 -24.12 0.41
C ASN A 40 7.53 -24.53 -0.66
N ASP A 41 6.49 -25.25 -0.26
CA ASP A 41 5.55 -25.76 -1.26
C ASP A 41 4.14 -25.19 -1.21
N TRP A 42 3.57 -25.08 -0.01
CA TRP A 42 2.18 -24.60 0.09
C TRP A 42 2.01 -23.34 0.95
N GLY A 43 0.97 -22.59 0.66
CA GLY A 43 0.62 -21.43 1.45
C GLY A 43 -0.84 -21.10 1.26
N VAL A 44 -1.26 -20.00 1.89
CA VAL A 44 -2.61 -19.49 1.71
C VAL A 44 -2.51 -18.06 1.23
N ILE A 45 -3.53 -17.63 0.48
CA ILE A 45 -3.55 -16.28 0.00
C ILE A 45 -4.97 -15.72 0.16
N GLY A 46 -5.02 -14.45 0.51
CA GLY A 46 -6.26 -13.69 0.65
C GLY A 46 -6.22 -12.45 -0.25
N SER A 47 -7.40 -12.06 -0.71
CA SER A 47 -7.53 -10.97 -1.67
C SER A 47 -8.76 -10.12 -1.36
N PHE A 48 -8.56 -8.81 -1.38
CA PHE A 48 -9.69 -7.87 -1.42
C PHE A 48 -9.58 -7.08 -2.70
N ALA A 49 -10.69 -6.94 -3.43
CA ALA A 49 -10.66 -6.12 -4.63
C ALA A 49 -11.87 -5.22 -4.66
N GLN A 50 -11.72 -4.06 -5.27
CA GLN A 50 -12.84 -3.14 -5.44
C GLN A 50 -12.68 -2.35 -6.72
N THR A 51 -13.76 -2.21 -7.48
CA THR A 51 -13.74 -1.38 -8.68
C THR A 51 -14.99 -0.52 -8.65
N ARG A 52 -14.91 0.65 -9.26
CA ARG A 52 -16.00 1.60 -9.23
C ARG A 52 -16.08 2.36 -10.53
N ARG A 53 -17.29 2.81 -10.85
CA ARG A 53 -17.47 3.73 -11.96
C ARG A 53 -18.61 4.67 -11.60
N GLY A 54 -18.32 5.97 -11.54
CA GLY A 54 -19.33 6.98 -11.21
C GLY A 54 -19.84 7.72 -12.44
N PHE A 55 -21.01 8.33 -12.32
CA PHE A 55 -21.62 9.04 -13.42
C PHE A 55 -22.38 10.24 -12.88
N GLU A 56 -22.33 11.36 -13.60
CA GLU A 56 -23.01 12.57 -13.16
C GLU A 56 -23.47 13.37 -14.36
N GLU A 57 -24.56 14.10 -14.17
CA GLU A 57 -25.07 15.02 -15.18
C GLU A 57 -25.48 16.31 -14.51
N SER A 58 -24.97 17.40 -15.06
CA SER A 58 -25.09 18.72 -14.46
C SER A 58 -25.65 19.74 -15.42
N VAL A 59 -25.88 20.95 -14.90
CA VAL A 59 -26.19 22.12 -15.71
C VAL A 59 -25.32 23.26 -15.21
N LEU A 64 -29.65 17.63 -12.45
CA LEU A 64 -28.49 17.03 -11.82
C LEU A 64 -28.82 15.61 -11.35
N ILE A 65 -28.17 14.64 -11.98
CA ILE A 65 -28.36 13.24 -11.63
C ILE A 65 -26.98 12.67 -11.34
N ASP A 66 -26.91 11.63 -10.52
CA ASP A 66 -25.63 10.99 -10.29
C ASP A 66 -25.86 9.52 -9.94
N GLY A 67 -24.86 8.69 -10.16
CA GLY A 67 -24.98 7.31 -9.79
C GLY A 67 -23.60 6.75 -9.70
N ASP A 68 -23.46 5.58 -9.12
CA ASP A 68 -22.20 4.91 -9.23
C ASP A 68 -22.41 3.43 -9.09
N PHE A 69 -21.49 2.70 -9.69
CA PHE A 69 -21.51 1.27 -9.69
C PHE A 69 -20.27 0.90 -8.90
N LYS A 70 -20.43 -0.06 -8.00
CA LYS A 70 -19.31 -0.54 -7.19
C LYS A 70 -19.35 -2.06 -7.09
N TYR A 71 -18.19 -2.69 -7.23
CA TYR A 71 -18.07 -4.12 -6.99
C TYR A 71 -16.94 -4.30 -6.01
N TYR A 72 -17.12 -5.14 -4.99
CA TYR A 72 -15.92 -5.54 -4.23
C TYR A 72 -16.02 -7.01 -3.88
N SER A 73 -14.88 -7.62 -3.57
CA SER A 73 -14.86 -9.03 -3.27
C SER A 73 -13.83 -9.29 -2.19
N VAL A 74 -14.10 -10.35 -1.44
CA VAL A 74 -13.14 -10.94 -0.51
C VAL A 74 -13.03 -12.42 -0.83
N THR A 75 -11.81 -12.85 -1.20
CA THR A 75 -11.62 -14.24 -1.63
C THR A 75 -10.34 -14.81 -1.01
N ALA A 76 -10.24 -16.13 -0.96
CA ALA A 76 -9.05 -16.75 -0.40
C ALA A 76 -8.85 -18.14 -0.99
N GLY A 77 -7.64 -18.69 -0.84
CA GLY A 77 -7.41 -20.00 -1.38
C GLY A 77 -5.99 -20.48 -1.14
N PRO A 78 -5.70 -21.70 -1.59
CA PRO A 78 -4.35 -22.25 -1.46
C PRO A 78 -3.46 -21.69 -2.56
N VAL A 79 -2.18 -21.55 -2.27
CA VAL A 79 -1.24 -21.09 -3.27
C VAL A 79 -0.05 -22.04 -3.24
N PHE A 80 0.32 -22.55 -4.41
CA PHE A 80 1.39 -23.55 -4.50
C PHE A 80 2.59 -22.95 -5.21
N ARG A 81 3.78 -23.12 -4.62
CA ARG A 81 5.00 -22.61 -5.23
C ARG A 81 5.62 -23.68 -6.13
N ILE A 82 5.87 -23.30 -7.38
CA ILE A 82 6.55 -24.20 -8.31
C ILE A 82 8.05 -24.18 -8.10
N ASN A 83 8.61 -22.98 -8.03
CA ASN A 83 10.04 -22.78 -7.79
C ASN A 83 10.27 -21.39 -7.22
N GLU A 84 11.52 -20.93 -7.21
CA GLU A 84 11.80 -19.63 -6.61
C GLU A 84 11.12 -18.47 -7.34
N TYR A 85 10.76 -18.66 -8.61
CA TYR A 85 10.21 -17.55 -9.40
C TYR A 85 8.69 -17.50 -9.51
N VAL A 86 8.02 -18.65 -9.49
CA VAL A 86 6.60 -18.68 -9.83
C VAL A 86 5.75 -19.53 -8.88
N SER A 87 4.57 -19.00 -8.54
CA SER A 87 3.58 -19.72 -7.73
C SER A 87 2.20 -19.53 -8.37
N LEU A 88 1.31 -20.51 -8.21
CA LEU A 88 -0.04 -20.39 -8.76
C LEU A 88 -1.08 -20.55 -7.67
N TYR A 89 -2.23 -19.90 -7.84
CA TYR A 89 -3.27 -20.03 -6.82
C TYR A 89 -4.67 -20.01 -7.39
N GLY A 90 -5.62 -20.53 -6.60
CA GLY A 90 -7.05 -20.42 -6.90
C GLY A 90 -7.74 -19.76 -5.72
N LEU A 91 -8.85 -19.09 -5.97
CA LEU A 91 -9.50 -18.29 -4.96
C LEU A 91 -11.01 -18.54 -5.01
N LEU A 92 -11.62 -18.48 -3.83
CA LEU A 92 -13.06 -18.61 -3.72
C LEU A 92 -13.47 -17.66 -2.64
N GLY A 93 -14.63 -17.02 -2.82
CA GLY A 93 -15.11 -16.09 -1.82
C GLY A 93 -16.44 -15.48 -2.21
N ALA A 94 -16.60 -14.21 -1.87
CA ALA A 94 -17.87 -13.52 -2.10
C ALA A 94 -17.62 -12.23 -2.84
N GLY A 95 -18.50 -11.92 -3.78
CA GLY A 95 -18.49 -10.65 -4.48
C GLY A 95 -19.80 -9.95 -4.17
N HIS A 96 -19.75 -8.62 -4.11
CA HIS A 96 -20.92 -7.80 -3.88
C HIS A 96 -20.95 -6.71 -4.93
N GLY A 97 -22.07 -6.61 -5.64
CA GLY A 97 -22.24 -5.57 -6.65
C GLY A 97 -23.39 -4.64 -6.25
N LYS A 98 -23.22 -3.36 -6.58
CA LYS A 98 -24.13 -2.31 -6.14
C LYS A 98 -24.22 -1.26 -7.22
N ALA A 99 -25.43 -0.82 -7.53
CA ALA A 99 -25.63 0.30 -8.42
C ALA A 99 -26.53 1.27 -7.67
N LYS A 100 -26.05 2.51 -7.52
CA LYS A 100 -26.73 3.50 -6.68
C LYS A 100 -27.06 4.70 -7.53
N PHE A 101 -28.26 5.25 -7.34
CA PHE A 101 -28.79 6.30 -8.19
C PHE A 101 -29.37 7.40 -7.31
N SER A 102 -29.15 8.64 -7.72
CA SER A 102 -29.77 9.75 -7.00
C SER A 102 -29.95 10.94 -7.93
N SER A 103 -30.96 11.77 -7.63
CA SER A 103 -31.23 12.94 -8.45
C SER A 103 -31.69 14.07 -7.56
N ILE A 104 -31.86 15.26 -8.15
CA ILE A 104 -32.41 16.39 -7.42
C ILE A 104 -33.94 16.32 -7.34
N PHE A 105 -34.53 15.31 -7.96
CA PHE A 105 -35.97 15.13 -7.85
C PHE A 105 -36.30 14.36 -6.59
N GLY A 106 -35.27 13.86 -5.90
CA GLY A 106 -35.47 13.19 -4.62
C GLY A 106 -35.11 11.72 -4.62
N GLN A 107 -35.11 11.09 -5.79
CA GLN A 107 -34.78 9.68 -5.89
C GLN A 107 -33.46 9.39 -5.23
N SER A 108 -33.43 8.49 -4.25
CA SER A 108 -32.15 7.91 -3.84
C SER A 108 -32.29 6.41 -3.60
N GLU A 109 -31.85 5.60 -4.56
CA GLU A 109 -32.18 4.17 -4.51
C GLU A 109 -31.04 3.35 -5.09
N SER A 110 -30.97 2.08 -4.70
CA SER A 110 -29.90 1.23 -5.18
C SER A 110 -30.39 -0.19 -5.47
N ARG A 111 -29.64 -0.90 -6.31
CA ARG A 111 -29.83 -2.34 -6.45
C ARG A 111 -28.51 -3.04 -6.13
N SER A 112 -28.56 -4.17 -5.43
CA SER A 112 -27.32 -4.83 -5.00
C SER A 112 -27.51 -6.32 -4.94
N LYS A 113 -26.40 -7.06 -4.92
CA LYS A 113 -26.47 -8.51 -4.85
C LYS A 113 -25.15 -9.00 -4.35
N THR A 114 -25.18 -10.02 -3.50
CA THR A 114 -23.98 -10.72 -3.08
C THR A 114 -24.03 -12.14 -3.62
N SER A 115 -22.94 -12.62 -4.21
CA SER A 115 -22.91 -13.98 -4.72
C SER A 115 -21.51 -14.52 -4.56
N LEU A 116 -21.26 -15.75 -4.99
CA LEU A 116 -19.91 -16.30 -4.99
C LEU A 116 -18.99 -15.56 -5.97
N ALA A 117 -17.71 -15.48 -5.62
CA ALA A 117 -16.69 -14.99 -6.53
C ALA A 117 -15.62 -16.05 -6.66
N TYR A 118 -15.10 -16.20 -7.87
CA TYR A 118 -14.17 -17.28 -8.19
C TYR A 118 -12.95 -16.65 -8.82
N GLY A 119 -11.77 -17.11 -8.47
CA GLY A 119 -10.58 -16.51 -9.03
C GLY A 119 -9.42 -17.45 -9.25
N ALA A 120 -8.46 -16.99 -10.03
CA ALA A 120 -7.25 -17.76 -10.26
C ALA A 120 -6.12 -16.78 -10.58
N GLY A 121 -4.91 -17.09 -10.17
CA GLY A 121 -3.82 -16.16 -10.43
C GLY A 121 -2.44 -16.75 -10.27
N LEU A 122 -1.46 -15.87 -10.35
CA LEU A 122 -0.08 -16.27 -10.16
C LEU A 122 0.74 -15.16 -9.57
N GLN A 123 1.82 -15.56 -8.91
CA GLN A 123 2.78 -14.61 -8.40
C GLN A 123 4.14 -14.94 -8.96
N PHE A 124 4.83 -13.91 -9.45
CA PHE A 124 6.17 -14.00 -9.99
C PHE A 124 7.12 -13.29 -9.03
N ASN A 125 8.24 -13.92 -8.70
CA ASN A 125 9.24 -13.29 -7.85
C ASN A 125 10.54 -13.06 -8.64
N PRO A 126 10.69 -11.89 -9.27
CA PRO A 126 11.93 -11.68 -10.04
C PRO A 126 13.16 -11.74 -9.14
N HIS A 127 13.01 -11.30 -7.90
CA HIS A 127 14.02 -11.51 -6.87
C HIS A 127 13.26 -11.97 -5.64
N PRO A 128 13.95 -12.64 -4.70
CA PRO A 128 13.21 -13.26 -3.59
C PRO A 128 12.40 -12.27 -2.77
N ASN A 129 12.75 -10.98 -2.81
CA ASN A 129 12.08 -9.97 -2.00
C ASN A 129 10.97 -9.19 -2.72
N PHE A 130 10.79 -9.45 -4.02
CA PHE A 130 9.79 -8.72 -4.79
C PHE A 130 8.69 -9.64 -5.29
N VAL A 131 7.51 -9.05 -5.49
CA VAL A 131 6.39 -9.79 -6.04
C VAL A 131 5.70 -9.01 -7.16
N ILE A 132 5.37 -9.72 -8.22
CA ILE A 132 4.44 -9.24 -9.22
C ILE A 132 3.28 -10.21 -9.19
N ASP A 133 2.05 -9.71 -9.10
CA ASP A 133 0.87 -10.57 -8.91
C ASP A 133 -0.13 -10.27 -10.01
N ALA A 134 -0.75 -11.30 -10.57
CA ALA A 134 -1.75 -11.07 -11.59
C ALA A 134 -2.86 -12.08 -11.41
N SER A 135 -4.11 -11.64 -11.48
CA SER A 135 -5.18 -12.61 -11.30
C SER A 135 -6.44 -12.19 -12.02
N TYR A 136 -7.36 -13.14 -12.15
CA TYR A 136 -8.67 -12.87 -12.74
C TYR A 136 -9.72 -13.39 -11.77
N GLU A 137 -10.86 -12.73 -11.76
CA GLU A 137 -11.93 -13.09 -10.86
C GLU A 137 -13.24 -12.94 -11.60
N TYR A 138 -14.22 -13.76 -11.26
CA TYR A 138 -15.51 -13.73 -11.93
C TYR A 138 -16.57 -13.87 -10.88
N SER A 139 -17.62 -13.08 -11.01
CA SER A 139 -18.77 -13.27 -10.16
C SER A 139 -20.03 -13.03 -10.97
N LYS A 140 -21.05 -13.87 -10.77
CA LYS A 140 -22.36 -13.65 -11.38
C LYS A 140 -23.34 -13.23 -10.31
N LEU A 141 -23.94 -12.06 -10.50
CA LEU A 141 -24.81 -11.43 -9.54
C LEU A 141 -26.18 -11.32 -10.20
N ASP A 142 -27.05 -12.28 -9.93
CA ASP A 142 -28.27 -12.45 -10.72
C ASP A 142 -27.90 -12.56 -12.20
N ASP A 143 -28.41 -11.64 -13.02
CA ASP A 143 -28.07 -11.70 -14.44
C ASP A 143 -26.90 -10.77 -14.82
N VAL A 144 -26.25 -10.18 -13.84
CA VAL A 144 -25.09 -9.32 -14.13
C VAL A 144 -23.80 -10.11 -13.95
N LYS A 145 -22.93 -10.06 -14.95
CA LYS A 145 -21.67 -10.80 -14.89
C LYS A 145 -20.52 -9.81 -14.72
N VAL A 146 -19.65 -10.08 -13.74
CA VAL A 146 -18.56 -9.17 -13.46
C VAL A 146 -17.27 -9.94 -13.59
N GLY A 147 -16.44 -9.56 -14.56
CA GLY A 147 -15.13 -10.18 -14.72
C GLY A 147 -14.07 -9.15 -14.38
N THR A 148 -13.14 -9.49 -13.49
CA THR A 148 -12.17 -8.50 -13.02
C THR A 148 -10.75 -8.99 -13.22
N TRP A 149 -9.92 -8.16 -13.85
CA TRP A 149 -8.49 -8.43 -13.98
C TRP A 149 -7.72 -7.57 -12.98
N MET A 150 -6.65 -8.13 -12.42
CA MET A 150 -5.87 -7.42 -11.42
C MET A 150 -4.40 -7.63 -11.72
N LEU A 151 -3.61 -6.56 -11.55
CA LEU A 151 -2.17 -6.61 -11.78
C LEU A 151 -1.52 -5.75 -10.72
N GLY A 152 -0.68 -6.37 -9.89
CA GLY A 152 -0.13 -5.67 -8.75
C GLY A 152 1.33 -6.00 -8.50
N ALA A 153 1.91 -5.31 -7.52
CA ALA A 153 3.29 -5.60 -7.15
C ALA A 153 3.45 -5.34 -5.66
N GLY A 154 4.55 -5.85 -5.10
CA GLY A 154 4.80 -5.66 -3.69
C GLY A 154 6.03 -6.39 -3.22
N TYR A 155 6.03 -6.74 -1.94
CA TYR A 155 7.24 -7.21 -1.30
C TYR A 155 7.02 -8.53 -0.60
N ARG A 156 8.10 -9.29 -0.45
CA ARG A 156 8.06 -10.59 0.17
C ARG A 156 9.17 -10.65 1.22
N PHE A 157 8.82 -11.02 2.44
CA PHE A 157 9.74 -10.94 3.57
C PHE A 157 9.42 -12.02 4.60
N MET B 1 -12.29 14.54 -4.12
CA MET B 1 -12.32 13.57 -5.20
C MET B 1 -11.15 13.75 -6.17
N GLU B 2 -11.45 14.30 -7.35
CA GLU B 2 -10.46 14.53 -8.38
C GLU B 2 -9.72 15.83 -8.16
N GLY B 3 -8.42 15.74 -7.91
CA GLY B 3 -7.58 16.91 -7.74
C GLY B 3 -7.39 17.31 -6.29
N GLU B 4 -7.52 16.37 -5.37
CA GLU B 4 -7.37 16.66 -3.96
C GLU B 4 -5.95 16.37 -3.51
N SER B 5 -5.31 17.37 -2.90
CA SER B 5 -4.00 17.19 -2.29
C SER B 5 -4.17 16.98 -0.80
N SER B 6 -3.26 16.20 -0.23
CA SER B 6 -3.18 16.02 1.22
C SER B 6 -1.73 16.23 1.64
N ILE B 7 -1.55 17.02 2.69
CA ILE B 7 -0.21 17.25 3.23
C ILE B 7 -0.21 16.89 4.70
N SER B 8 0.78 16.12 5.12
CA SER B 8 0.82 15.70 6.52
C SER B 8 2.23 15.73 7.06
N ILE B 9 2.36 16.05 8.34
CA ILE B 9 3.65 15.98 9.02
C ILE B 9 3.47 15.12 10.27
N GLY B 10 4.53 14.41 10.64
CA GLY B 10 4.37 13.33 11.59
C GLY B 10 5.65 12.99 12.29
N TYR B 11 5.52 12.26 13.39
CA TYR B 11 6.67 11.78 14.15
C TYR B 11 7.15 10.50 13.49
N ALA B 12 8.46 10.27 13.54
CA ALA B 12 9.03 9.05 12.98
C ALA B 12 10.02 8.48 13.99
N GLN B 13 10.07 7.16 14.10
CA GLN B 13 11.05 6.53 14.99
C GLN B 13 11.57 5.28 14.32
N SER B 14 12.89 5.07 14.41
CA SER B 14 13.55 3.93 13.78
C SER B 14 14.10 2.96 14.83
N ARG B 15 14.12 1.69 14.46
CA ARG B 15 14.78 0.65 15.22
C ARG B 15 15.89 0.21 14.28
N VAL B 16 17.13 0.32 14.75
CA VAL B 16 18.30 0.09 13.93
C VAL B 16 19.04 -1.11 14.50
N LYS B 17 19.18 -2.16 13.70
CA LYS B 17 19.80 -3.39 14.18
C LYS B 17 20.95 -3.82 13.30
N GLU B 18 21.96 -4.42 13.91
CA GLU B 18 23.05 -5.00 13.14
C GLU B 18 23.52 -6.23 13.91
N ASP B 19 23.51 -7.38 13.26
CA ASP B 19 24.10 -8.58 13.86
C ASP B 19 23.50 -8.91 15.23
N GLY B 20 22.19 -8.69 15.35
CA GLY B 20 21.49 -9.05 16.57
C GLY B 20 21.44 -7.96 17.63
N TYR B 21 22.19 -6.88 17.43
CA TYR B 21 22.18 -5.79 18.39
C TYR B 21 21.39 -4.58 17.89
N LYS B 22 20.74 -3.89 18.81
CA LYS B 22 19.98 -2.70 18.48
C LYS B 22 20.76 -1.47 18.94
N LEU B 23 20.76 -0.42 18.14
CA LEU B 23 21.28 0.87 18.57
C LEU B 23 20.37 1.49 19.64
N ASP B 24 20.95 1.94 20.75
CA ASP B 24 20.19 2.63 21.79
C ASP B 24 20.58 4.11 21.78
N LYS B 25 19.66 5.03 22.09
CA LYS B 25 18.25 4.81 22.06
C LYS B 25 17.82 4.99 20.61
N ASN B 26 16.57 4.66 20.31
CA ASN B 26 16.07 4.70 18.95
C ASN B 26 16.18 6.09 18.30
N PRO B 27 16.73 6.15 17.08
CA PRO B 27 16.68 7.42 16.34
C PRO B 27 15.24 7.89 16.18
N ARG B 28 15.05 9.20 16.25
CA ARG B 28 13.72 9.79 16.19
C ARG B 28 13.80 10.98 15.28
N GLY B 29 12.67 11.37 14.69
CA GLY B 29 12.63 12.51 13.79
C GLY B 29 11.21 12.71 13.25
N PHE B 30 11.11 12.93 11.95
CA PHE B 30 9.84 13.34 11.37
C PHE B 30 9.62 12.71 9.99
N ASN B 31 8.39 12.85 9.52
CA ASN B 31 8.00 12.36 8.20
C ASN B 31 7.05 13.38 7.60
N LEU B 32 7.30 13.75 6.35
CA LEU B 32 6.40 14.64 5.61
C LEU B 32 5.86 13.83 4.44
N LYS B 33 4.54 13.84 4.27
CA LYS B 33 3.95 13.17 3.12
C LYS B 33 3.07 14.10 2.34
N TYR B 34 3.16 13.99 1.02
CA TYR B 34 2.30 14.76 0.11
C TYR B 34 1.60 13.78 -0.83
N ARG B 35 0.29 13.94 -0.97
CA ARG B 35 -0.52 13.03 -1.78
C ARG B 35 -1.36 13.82 -2.73
N TYR B 36 -1.48 13.33 -3.96
CA TYR B 36 -2.35 13.93 -4.95
C TYR B 36 -3.23 12.86 -5.57
N GLU B 37 -4.53 13.07 -5.50
CA GLU B 37 -5.50 12.14 -6.06
C GLU B 37 -5.90 12.58 -7.46
N PHE B 38 -5.69 11.69 -8.43
CA PHE B 38 -6.12 11.95 -9.81
C PHE B 38 -7.63 11.91 -9.95
N ASN B 39 -8.23 10.98 -9.20
CA ASN B 39 -9.68 10.82 -9.17
C ASN B 39 -10.08 10.21 -7.85
N ASN B 40 -11.34 9.77 -7.77
CA ASN B 40 -11.89 9.19 -6.55
C ASN B 40 -11.27 7.84 -6.19
N ASP B 41 -10.50 7.28 -7.11
CA ASP B 41 -9.96 5.95 -6.86
C ASP B 41 -8.44 5.86 -6.71
N TRP B 42 -7.69 6.53 -7.60
CA TRP B 42 -6.22 6.41 -7.55
C TRP B 42 -5.52 7.74 -7.35
N GLY B 43 -4.32 7.67 -6.78
CA GLY B 43 -3.48 8.84 -6.63
C GLY B 43 -2.04 8.41 -6.48
N VAL B 44 -1.17 9.40 -6.26
CA VAL B 44 0.24 9.14 -5.97
C VAL B 44 0.58 9.78 -4.65
N ILE B 45 1.57 9.19 -3.97
CA ILE B 45 2.00 9.75 -2.72
C ILE B 45 3.52 9.73 -2.67
N GLY B 46 4.06 10.79 -2.08
CA GLY B 46 5.49 10.95 -1.86
C GLY B 46 5.77 11.16 -0.38
N SER B 47 6.94 10.69 0.05
CA SER B 47 7.31 10.71 1.46
C SER B 47 8.78 11.03 1.64
N PHE B 48 9.07 11.94 2.57
CA PHE B 48 10.44 12.15 3.06
C PHE B 48 10.44 11.83 4.54
N ALA B 49 11.39 11.03 4.99
CA ALA B 49 11.49 10.77 6.43
C ALA B 49 12.92 10.93 6.88
N GLN B 50 13.11 11.32 8.13
CA GLN B 50 14.44 11.42 8.71
C GLN B 50 14.39 11.13 10.20
N THR B 51 15.33 10.32 10.67
CA THR B 51 15.44 10.07 12.10
C THR B 51 16.91 10.21 12.48
N ARG B 52 17.15 10.60 13.72
CA ARG B 52 18.51 10.86 14.20
C ARG B 52 18.67 10.44 15.63
N ARG B 53 19.90 10.11 15.99
CA ARG B 53 20.23 9.90 17.39
C ARG B 53 21.68 10.35 17.60
N GLY B 54 21.88 11.33 18.46
CA GLY B 54 23.21 11.86 18.75
C GLY B 54 23.76 11.34 20.07
N PHE B 55 25.08 11.40 20.22
CA PHE B 55 25.74 10.90 21.42
C PHE B 55 26.93 11.80 21.73
N GLU B 56 27.16 12.07 23.01
CA GLU B 56 28.29 12.91 23.40
C GLU B 56 28.84 12.46 24.74
N GLU B 57 30.12 12.69 24.93
CA GLU B 57 30.78 12.42 26.20
C GLU B 57 31.72 13.56 26.52
N SER B 58 31.56 14.10 27.73
CA SER B 58 32.22 15.32 28.16
C SER B 58 32.96 15.14 29.47
N VAL B 59 33.66 16.19 29.87
CA VAL B 59 34.26 16.30 31.19
C VAL B 59 33.87 17.69 31.71
N ASP B 60 33.44 18.52 30.78
CA ASP B 60 32.88 19.83 31.07
C ASP B 60 32.46 20.53 29.78
N LEU B 64 36.34 14.33 25.31
CA LEU B 64 35.15 14.78 24.61
C LEU B 64 35.02 14.05 23.28
N ILE B 65 33.98 13.23 23.17
CA ILE B 65 33.69 12.47 21.96
C ILE B 65 32.26 12.79 21.57
N ASP B 66 31.94 12.66 20.30
CA ASP B 66 30.57 12.87 19.86
C ASP B 66 30.32 12.07 18.60
N GLY B 67 29.07 11.73 18.36
CA GLY B 67 28.74 11.04 17.14
C GLY B 67 27.27 11.21 16.89
N ASP B 68 26.83 10.90 15.69
CA ASP B 68 25.40 10.83 15.50
C ASP B 68 25.09 9.88 14.39
N PHE B 69 23.91 9.33 14.46
CA PHE B 69 23.42 8.37 13.50
C PHE B 69 22.26 9.11 12.87
N LYS B 70 22.18 9.03 11.54
CA LYS B 70 21.09 9.66 10.80
C LYS B 70 20.61 8.72 9.71
N TYR B 71 19.29 8.63 9.54
CA TYR B 71 18.72 7.90 8.42
C TYR B 71 17.74 8.84 7.75
N TYR B 72 17.76 8.91 6.42
CA TYR B 72 16.63 9.57 5.77
C TYR B 72 16.25 8.81 4.52
N SER B 73 15.02 9.01 4.06
CA SER B 73 14.56 8.31 2.88
C SER B 73 13.66 9.22 2.07
N VAL B 74 13.63 8.93 0.78
CA VAL B 74 12.66 9.52 -0.16
C VAL B 74 11.99 8.37 -0.89
N THR B 75 10.66 8.27 -0.74
CA THR B 75 9.93 7.16 -1.33
C THR B 75 8.65 7.65 -1.98
N ALA B 76 8.09 6.86 -2.89
CA ALA B 76 6.85 7.24 -3.55
C ALA B 76 6.10 6.01 -4.02
N GLY B 77 4.81 6.17 -4.32
CA GLY B 77 4.04 5.03 -4.76
C GLY B 77 2.60 5.39 -5.06
N PRO B 78 1.83 4.40 -5.52
CA PRO B 78 0.40 4.59 -5.77
C PRO B 78 -0.36 4.53 -4.47
N VAL B 79 -1.45 5.27 -4.40
CA VAL B 79 -2.31 5.23 -3.23
C VAL B 79 -3.74 5.05 -3.72
N PHE B 80 -4.43 4.08 -3.15
CA PHE B 80 -5.78 3.75 -3.60
C PHE B 80 -6.79 4.08 -2.51
N ARG B 81 -7.86 4.79 -2.87
CA ARG B 81 -8.90 5.15 -1.93
C ARG B 81 -9.97 4.05 -1.90
N ILE B 82 -10.26 3.55 -0.71
CA ILE B 82 -11.34 2.58 -0.53
C ILE B 82 -12.69 3.28 -0.45
N ASN B 83 -12.77 4.31 0.39
CA ASN B 83 -13.98 5.10 0.55
C ASN B 83 -13.63 6.47 1.09
N GLU B 84 -14.61 7.22 1.56
CA GLU B 84 -14.31 8.56 2.05
C GLU B 84 -13.39 8.60 3.27
N TYR B 85 -13.31 7.50 4.01
CA TYR B 85 -12.52 7.49 5.25
C TYR B 85 -11.10 6.93 5.15
N VAL B 86 -10.90 5.95 4.26
CA VAL B 86 -9.64 5.20 4.27
C VAL B 86 -9.02 4.98 2.89
N SER B 87 -7.70 5.14 2.82
CA SER B 87 -6.92 4.86 1.63
C SER B 87 -5.67 4.07 2.01
N LEU B 88 -5.17 3.21 1.12
CA LEU B 88 -3.96 2.43 1.42
C LEU B 88 -2.89 2.70 0.36
N TYR B 89 -1.63 2.61 0.74
CA TYR B 89 -0.58 2.85 -0.24
C TYR B 89 0.66 1.98 -0.01
N GLY B 90 1.46 1.83 -1.07
CA GLY B 90 2.78 1.20 -0.97
C GLY B 90 3.81 2.17 -1.49
N LEU B 91 5.05 2.07 -1.01
CA LEU B 91 6.08 3.02 -1.31
C LEU B 91 7.37 2.30 -1.67
N LEU B 92 8.12 2.90 -2.58
CA LEU B 92 9.42 2.39 -2.94
C LEU B 92 10.30 3.60 -3.16
N GLY B 93 11.56 3.48 -2.75
CA GLY B 93 12.48 4.58 -2.92
C GLY B 93 13.88 4.23 -2.44
N ALA B 94 14.53 5.23 -1.85
CA ALA B 94 15.90 5.08 -1.40
C ALA B 94 16.01 5.52 0.04
N GLY B 95 16.82 4.78 0.80
CA GLY B 95 17.15 5.16 2.16
C GLY B 95 18.65 5.34 2.24
N HIS B 96 19.08 6.28 3.08
CA HIS B 96 20.49 6.56 3.29
C HIS B 96 20.76 6.57 4.78
N GLY B 97 21.72 5.75 5.21
CA GLY B 97 22.10 5.68 6.61
C GLY B 97 23.54 6.17 6.78
N LYS B 98 23.79 6.85 7.90
CA LYS B 98 25.07 7.50 8.15
C LYS B 98 25.37 7.45 9.63
N ALA B 99 26.60 7.09 9.97
CA ALA B 99 27.06 7.15 11.35
C ALA B 99 28.34 7.96 11.32
N LYS B 100 28.36 9.03 12.11
CA LYS B 100 29.45 10.01 12.07
C LYS B 100 30.06 10.11 13.44
N PHE B 101 31.39 10.18 13.49
CA PHE B 101 32.14 10.11 14.74
C PHE B 101 33.18 11.21 14.76
N SER B 102 33.37 11.81 15.93
CA SER B 102 34.43 12.80 16.06
C SER B 102 34.89 12.89 17.50
N SER B 103 36.15 13.28 17.70
CA SER B 103 36.70 13.39 19.03
C SER B 103 37.65 14.57 19.08
N ILE B 104 38.15 14.88 20.28
CA ILE B 104 39.16 15.92 20.42
C ILE B 104 40.57 15.39 20.11
N PHE B 105 40.66 14.11 19.79
CA PHE B 105 41.94 13.55 19.38
C PHE B 105 42.16 13.77 17.89
N GLY B 106 41.13 14.28 17.21
CA GLY B 106 41.25 14.64 15.81
C GLY B 106 40.40 13.81 14.85
N GLN B 107 40.01 12.62 15.30
CA GLN B 107 39.21 11.72 14.47
C GLN B 107 37.96 12.44 13.99
N SER B 108 37.77 12.53 12.67
CA SER B 108 36.44 12.88 12.18
C SER B 108 36.07 12.01 10.98
N GLU B 109 35.24 10.99 11.18
CA GLU B 109 35.04 9.98 10.15
C GLU B 109 33.62 9.44 10.18
N SER B 110 33.17 8.89 9.05
CA SER B 110 31.81 8.41 8.99
C SER B 110 31.71 7.11 8.17
N ARG B 111 30.63 6.36 8.39
CA ARG B 111 30.29 5.26 7.52
C ARG B 111 28.87 5.48 7.02
N SER B 112 28.63 5.19 5.74
CA SER B 112 27.30 5.49 5.18
C SER B 112 26.96 4.48 4.10
N LYS B 113 25.67 4.40 3.77
CA LYS B 113 25.24 3.48 2.74
C LYS B 113 23.91 3.97 2.22
N THR B 114 23.72 3.85 0.92
CA THR B 114 22.41 4.09 0.30
C THR B 114 21.86 2.79 -0.27
N SER B 115 20.61 2.48 0.01
CA SER B 115 20.03 1.25 -0.53
C SER B 115 18.56 1.51 -0.81
N LEU B 116 17.84 0.49 -1.27
CA LEU B 116 16.40 0.62 -1.45
C LEU B 116 15.66 0.77 -0.11
N ALA B 117 14.56 1.51 -0.13
CA ALA B 117 13.67 1.59 1.02
C ALA B 117 12.28 1.19 0.55
N TYR B 118 11.58 0.45 1.40
CA TYR B 118 10.29 -0.14 1.05
C TYR B 118 9.29 0.28 2.11
N GLY B 119 8.09 0.63 1.71
CA GLY B 119 7.13 1.06 2.70
C GLY B 119 5.69 0.72 2.39
N ALA B 120 4.85 0.86 3.41
CA ALA B 120 3.42 0.63 3.22
C ALA B 120 2.67 1.43 4.28
N GLY B 121 1.49 1.94 3.94
CA GLY B 121 0.80 2.76 4.91
C GLY B 121 -0.67 2.96 4.61
N LEU B 122 -1.27 3.84 5.39
CA LEU B 122 -2.67 4.18 5.17
C LEU B 122 -2.93 5.59 5.62
N GLN B 123 -3.98 6.16 5.02
CA GLN B 123 -4.46 7.47 5.43
C GLN B 123 -5.92 7.35 5.81
N PHE B 124 -6.26 7.93 6.95
CA PHE B 124 -7.62 7.99 7.47
C PHE B 124 -8.10 9.44 7.39
N ASN B 125 -9.32 9.64 6.88
CA ASN B 125 -9.90 10.98 6.84
C ASN B 125 -11.12 11.06 7.74
N PRO B 126 -10.96 11.45 9.01
CA PRO B 126 -12.13 11.50 9.88
C PRO B 126 -13.16 12.50 9.38
N HIS B 127 -12.68 13.57 8.74
CA HIS B 127 -13.54 14.48 7.99
C HIS B 127 -12.82 14.73 6.67
N PRO B 128 -13.56 15.16 5.64
CA PRO B 128 -12.95 15.24 4.31
C PRO B 128 -11.73 16.16 4.25
N ASN B 129 -11.62 17.09 5.20
CA ASN B 129 -10.51 18.05 5.20
C ASN B 129 -9.33 17.69 6.09
N PHE B 130 -9.43 16.59 6.83
CA PHE B 130 -8.36 16.20 7.73
C PHE B 130 -7.72 14.88 7.32
N VAL B 131 -6.46 14.72 7.70
CA VAL B 131 -5.77 13.48 7.46
C VAL B 131 -5.01 12.99 8.68
N ILE B 132 -5.10 11.69 8.93
CA ILE B 132 -4.22 11.01 9.85
C ILE B 132 -3.48 9.97 9.01
N ASP B 133 -2.16 9.94 9.12
CA ASP B 133 -1.35 9.09 8.23
C ASP B 133 -0.49 8.19 9.08
N ALA B 134 -0.36 6.93 8.70
CA ALA B 134 0.52 6.04 9.46
C ALA B 134 1.21 5.12 8.49
N SER B 135 2.51 4.91 8.66
CA SER B 135 3.18 4.02 7.73
C SER B 135 4.40 3.36 8.35
N TYR B 136 4.89 2.33 7.68
CA TYR B 136 6.11 1.65 8.10
C TYR B 136 7.04 1.58 6.90
N GLU B 137 8.34 1.62 7.16
CA GLU B 137 9.33 1.61 6.11
C GLU B 137 10.49 0.75 6.57
N TYR B 138 11.14 0.09 5.63
CA TYR B 138 12.26 -0.80 5.94
C TYR B 138 13.33 -0.55 4.93
N SER B 139 14.57 -0.50 5.41
CA SER B 139 15.69 -0.46 4.49
C SER B 139 16.82 -1.29 5.07
N LYS B 140 17.48 -2.06 4.21
CA LYS B 140 18.67 -2.81 4.61
C LYS B 140 19.89 -2.16 3.98
N LEU B 141 20.82 -1.72 4.82
CA LEU B 141 21.99 -0.97 4.42
C LEU B 141 23.21 -1.82 4.78
N ASP B 142 23.70 -2.59 3.82
CA ASP B 142 24.67 -3.65 4.10
C ASP B 142 24.09 -4.58 5.16
N ASP B 143 24.76 -4.74 6.30
CA ASP B 143 24.22 -5.59 7.34
C ASP B 143 23.41 -4.83 8.41
N VAL B 144 23.15 -3.54 8.19
CA VAL B 144 22.36 -2.77 9.14
C VAL B 144 20.90 -2.71 8.68
N LYS B 145 19.97 -3.05 9.56
CA LYS B 145 18.57 -3.03 9.19
C LYS B 145 17.87 -1.87 9.89
N VAL B 146 17.11 -1.08 9.14
CA VAL B 146 16.46 0.08 9.70
C VAL B 146 14.97 -0.05 9.45
N GLY B 147 14.20 -0.15 10.53
CA GLY B 147 12.75 -0.22 10.44
C GLY B 147 12.19 1.07 11.02
N THR B 148 11.33 1.77 10.28
CA THR B 148 10.85 3.07 10.73
C THR B 148 9.33 3.14 10.75
N TRP B 149 8.76 3.52 11.89
CA TRP B 149 7.33 3.77 12.00
C TRP B 149 7.07 5.27 11.96
N MET B 150 5.96 5.67 11.34
CA MET B 150 5.63 7.08 11.18
C MET B 150 4.15 7.26 11.49
N LEU B 151 3.84 8.34 12.20
CA LEU B 151 2.46 8.67 12.54
C LEU B 151 2.31 10.17 12.43
N GLY B 152 1.43 10.62 11.55
CA GLY B 152 1.32 12.03 11.24
C GLY B 152 -0.10 12.51 11.05
N ALA B 153 -0.26 13.80 10.87
CA ALA B 153 -1.58 14.36 10.61
C ALA B 153 -1.42 15.59 9.72
N GLY B 154 -2.54 16.02 9.15
CA GLY B 154 -2.49 17.18 8.29
C GLY B 154 -3.83 17.46 7.62
N TYR B 155 -3.76 18.07 6.45
CA TYR B 155 -4.96 18.63 5.86
C TYR B 155 -5.12 18.14 4.42
N ARG B 156 -6.36 18.13 3.96
CA ARG B 156 -6.72 17.68 2.62
C ARG B 156 -7.60 18.74 1.98
N PHE B 157 -7.23 19.20 0.79
CA PHE B 157 -7.89 20.32 0.15
C PHE B 157 -7.84 20.20 -1.36
C1 GU4 C . -23.57 0.08 2.94
O5 GU4 C . -23.80 -0.11 3.98
C5 GU4 C . -25.35 -0.43 4.22
C6 GU4 C . -25.71 -0.45 5.73
O6 GU4 C . -25.42 -1.67 6.33
S6 GU4 C . -25.19 -1.92 7.96
O22 GU4 C . -24.60 -0.72 8.36
O23 GU4 C . -24.25 -3.16 8.28
O21 GU4 C . -26.64 -1.81 8.64
C4 GU4 C . -25.91 -1.71 3.40
O4 GU4 C . -27.29 -1.60 3.53
S4 GU4 C . -28.22 -2.71 4.21
O25 GU4 C . -28.03 -2.57 5.75
O26 GU4 C . -27.68 -4.08 3.71
O24 GU4 C . -29.73 -2.51 3.91
C3 GU4 C . -25.56 -1.76 2.38
O3 GU4 C . -25.79 -2.91 1.69
S3 GU4 C . -26.40 -2.91 0.20
O28 GU4 C . -25.24 -2.59 -0.75
O29 GU4 C . -26.75 -4.32 -0.14
O27 GU4 C . -27.51 -1.87 -0.01
C2 GU4 C . -23.92 -1.33 2.17
O2 GU4 C . -23.57 -1.18 0.85
S2 GU4 C . -22.14 -1.76 0.32
O11 GU4 C . -21.01 -0.95 0.97
O12 GU4 C . -22.04 -1.49 -1.19
O10 GU4 C . -22.11 -3.23 0.64
C1 YYJ C . -22.47 2.26 1.41
C2 YYJ C . -23.50 2.33 2.38
C3 YYJ C . -24.48 3.41 2.20
C4 YYJ C . -23.94 4.40 3.19
C5 YYJ C . -23.64 3.54 4.32
C6 YYJ C . -24.82 3.12 5.25
O1 YYJ C . -22.84 2.00 0.10
O1S1 YYJ C . -23.00 2.37 -2.41
O1S3 YYJ C . -28.32 2.71 1.97
O1S4 YYJ C . -24.29 6.52 0.98
O1S6 YYJ C . -27.70 4.95 7.34
O2 YYJ C . -24.30 1.13 2.32
O2S1 YYJ C . -20.82 2.88 -1.29
O2S3 YYJ C . -26.59 1.74 0.55
O2S4 YYJ C . -21.84 7.25 1.50
O2S6 YYJ C . -27.23 2.33 7.18
O3 YYJ C . -25.77 3.03 2.50
O3S1 YYJ C . -22.88 4.46 -1.09
O3S3 YYJ C . -26.81 4.18 0.42
O3S4 YYJ C . -23.84 7.36 3.31
O3S6 YYJ C . -28.06 3.61 5.06
O4 YYJ C . -22.85 5.10 2.68
O5 YYJ C . -22.96 2.50 3.62
O6 YYJ C . -25.54 4.03 6.08
S1 YYJ C . -22.39 2.96 -1.18
S3 YYJ C . -26.90 2.96 1.38
S4 YYJ C . -23.18 6.59 2.10
S6 YYJ C . -27.18 3.76 6.40
C1 GU4 D . 26.68 15.33 3.24
O5 GU4 D . 26.97 15.87 2.33
C5 GU4 D . 28.34 15.25 1.74
C6 GU4 D . 28.91 16.12 0.59
O6 GU4 D . 28.42 15.77 -0.69
S6 GU4 D . 28.40 16.88 -1.94
O22 GU4 D . 28.20 18.11 -1.24
O23 GU4 D . 27.06 16.88 -2.88
O21 GU4 D . 29.86 17.16 -2.61
C4 GU4 D . 28.33 13.67 1.37
O4 GU4 D . 29.66 13.29 1.20
S4 GU4 D . 30.19 12.73 -0.24
O25 GU4 D . 30.29 13.97 -1.29
O26 GU4 D . 29.11 11.65 -0.75
O24 GU4 D . 31.65 12.07 -0.08
C3 GU4 D . 27.84 13.07 2.09
O3 GU4 D . 27.60 11.76 1.73
S3 GU4 D . 27.85 10.55 2.80
O28 GU4 D . 26.67 10.55 3.91
O29 GU4 D . 27.80 9.19 2.04
O27 GU4 D . 29.24 10.78 3.57
C2 GU4 D . 26.44 13.79 2.75
O2 GU4 D . 26.02 13.05 3.85
S2 GU4 D . 24.42 12.86 4.14
O11 GU4 D . 23.70 14.27 4.36
O12 GU4 D . 24.24 11.97 5.47
O10 GU4 D . 23.82 12.13 2.89
C1 YYJ D . 26.30 16.19 6.04
C2 YYJ D . 27.38 16.50 5.16
C3 YYJ D . 28.66 16.80 5.83
C4 YYJ D . 28.57 18.30 5.84
C5 YYJ D . 28.14 18.53 4.46
C6 YYJ D . 29.22 18.42 3.33
O1 YYJ D . 26.29 14.93 6.66
O1S1 YYJ D . 26.25 13.34 8.72
O1S3 YYJ D . 31.96 14.72 5.02
O1S4 YYJ D . 29.24 18.00 8.90
O1S6 YYJ D . 32.83 20.04 2.66
O2 YYJ D . 27.64 15.35 4.29
O2S1 YYJ D . 24.56 15.32 8.64
O2S3 YYJ D . 29.68 13.69 5.60
O2S4 YYJ D . 27.32 19.78 9.31
O2S6 YYJ D . 31.53 18.26 1.17
O3 YYJ D . 29.78 16.28 5.16
O3S1 YYJ D . 27.15 15.75 9.13
O3S3 YYJ D . 30.83 15.16 7.38
O3S4 YYJ D . 29.55 20.35 7.83
O3S6 YYJ D . 32.42 17.57 3.63
O4 YYJ D . 27.71 18.77 6.84
O5 YYJ D . 27.06 17.59 4.39
O6 YYJ D . 30.35 19.28 3.35
S1 YYJ D . 26.06 14.84 8.31
S3 YYJ D . 30.58 14.97 5.79
S4 YYJ D . 28.45 19.23 8.24
S6 YYJ D . 31.82 18.78 2.70
C1 C8E E . 6.83 -2.52 4.14
C2 C8E E . 7.61 -3.83 4.31
C3 C8E E . 8.57 -4.05 3.14
C4 C8E E . 9.65 -5.08 3.47
C5 C8E E . 10.33 -5.58 2.20
C6 C8E E . 11.73 -6.12 2.48
C7 C8E E . 12.18 -6.96 1.29
C8 C8E E . 13.53 -6.50 0.76
O9 C8E E . 14.51 -6.79 1.72
C1 C8E F . -19.46 -2.42 -10.75
C2 C8E F . -20.41 -3.60 -10.73
C3 C8E F . -21.87 -3.15 -10.74
C4 C8E F . -22.78 -4.35 -10.56
C5 C8E F . -24.22 -3.99 -10.15
C6 C8E F . -25.00 -5.28 -9.94
C7 C8E F . -26.37 -5.12 -9.31
C8 C8E F . -26.81 -6.50 -8.81
O9 C8E F . -27.98 -6.99 -9.41
C10 C8E F . -28.70 -6.01 -10.13
C11 C8E F . -29.44 -6.65 -11.30
O12 C8E F . -30.20 -5.68 -11.97
C13 C8E F . -29.70 -4.37 -11.77
C14 C8E F . -29.36 -3.74 -13.12
O15 C8E F . -28.35 -2.76 -12.93
C16 C8E F . -27.51 -2.61 -14.05
C17 C8E F . -26.06 -2.99 -13.70
O18 C8E F . -25.45 -3.63 -14.79
C19 C8E F . -25.08 -2.75 -15.83
C20 C8E F . -24.55 -3.52 -17.03
O21 C8E F . -25.00 -2.92 -18.23
C1 C8E G . -1.96 -2.33 4.91
C2 C8E G . -1.27 -1.41 3.91
C3 C8E G . -1.38 -1.95 2.50
C4 C8E G . -0.23 -1.46 1.64
C5 C8E G . 0.63 -2.63 1.16
C6 C8E G . 1.49 -2.25 -0.05
C7 C8E G . 2.65 -3.24 -0.21
C8 C8E G . 3.82 -2.62 -0.98
O9 C8E G . 3.52 -2.54 -2.35
C10 C8E G . 4.42 -1.70 -3.04
C11 C8E G . 3.72 -1.05 -4.22
O12 C8E G . 4.42 0.10 -4.64
C13 C8E G . 4.82 0.04 -5.99
C14 C8E G . 6.21 0.66 -6.16
O15 C8E G . 6.06 2.07 -6.24
C16 C8E G . 6.20 2.54 -7.57
C17 C8E G . 7.66 2.76 -7.92
O18 C8E G . 7.98 4.14 -7.88
C19 C8E G . 9.06 4.40 -7.01
C20 C8E G . 10.35 4.14 -7.77
O21 C8E G . 11.45 4.66 -7.06
C1 C8E H . 18.69 5.93 12.03
C2 C8E H . 20.21 5.89 12.02
C3 C8E H . 20.70 4.77 11.10
C4 C8E H . 22.22 4.62 11.10
C5 C8E H . 22.66 3.63 10.02
C6 C8E H . 24.18 3.58 9.75
C7 C8E H . 24.45 2.83 8.44
C8 C8E H . 25.92 2.53 8.18
O9 C8E H . 26.01 1.43 7.27
C10 C8E H . 27.32 0.92 7.16
C11 C8E H . 27.33 -0.52 7.67
O12 C8E H . 28.37 -0.71 8.63
C13 C8E H . 28.29 0.25 9.67
C14 C8E H . 29.13 -0.16 10.87
O15 C8E H . 28.76 0.63 11.98
C1 C8E I . -2.07 25.16 5.08
C2 C8E I . -3.22 24.73 4.18
C3 C8E I . -4.32 24.07 4.99
C4 C8E I . -5.61 23.94 4.19
C5 C8E I . -6.68 23.22 5.02
C6 C8E I . -8.03 23.28 4.32
C7 C8E I . -9.10 22.64 5.18
C8 C8E I . -10.47 22.99 4.64
O9 C8E I . -11.41 22.92 5.69
C1 C8E J . -1.42 20.91 15.92
C2 C8E J . -1.56 19.76 14.93
C3 C8E J . -1.49 20.28 13.50
C4 C8E J . -0.09 20.09 12.92
C5 C8E J . -0.11 19.28 11.62
C6 C8E J . -0.64 20.08 10.44
C7 C8E J . 0.12 19.68 9.18
C8 C8E J . -0.07 20.66 8.03
O9 C8E J . 1.02 20.54 7.16
C1 C8E K . 8.39 2.99 16.44
C2 C8E K . 9.41 2.11 17.17
C3 C8E K . 9.92 0.98 16.30
C4 C8E K . 10.29 1.44 14.88
C5 C8E K . 10.52 0.27 13.95
C6 C8E K . 10.30 -1.08 14.63
C7 C8E K . 10.27 -2.23 13.63
C8 C8E K . 11.62 -2.46 12.94
#